data_6QOI
#
_entry.id   6QOI
#
_cell.length_a   74.107
_cell.length_b   79.509
_cell.length_c   85.468
_cell.angle_alpha   90.000
_cell.angle_beta   90.000
_cell.angle_gamma   90.000
#
_symmetry.space_group_name_H-M   'P 21 21 21'
#
loop_
_entity.id
_entity.type
_entity.pdbx_description
1 polymer 'tRNA (guanine-N(1)-)-methyltransferase'
2 non-polymer 1,3-benzothiazol-2-amine
3 water water
#
_entity_poly.entity_id   1
_entity_poly.type   'polypeptide(L)'
_entity_poly.pdbx_seq_one_letter_code
;GSMKIDVVTIFPEYLQPVRQSLPGKAIDAGLVDVAVHDLRRWTHDVHKSVDDSPYGGGPGMVMKPTVWGDALDEICTSET
LLVVPTPAGYPFTQETAWQWSTEDHLVIACGRYEGIDQRVADDAATRMRVREVSIGDYVLNGGEAAALVIIEAVLRLVPG
VLGNALSAQEDSHSEGMASLLEGPSYTRPPSWRGMDVPPVLLSGDHAKIAAWRAEQSRQRTIERRPDLLGFDSPTGEHGG
DGLS
;
_entity_poly.pdbx_strand_id   A,B
#
loop_
_chem_comp.id
_chem_comp.type
_chem_comp.name
_chem_comp.formula
ABV non-polymer 1,3-benzothiazol-2-amine 'C7 H6 N2 S'
#
# COMPACT_ATOMS: atom_id res chain seq x y z
N MET A 3 10.56 17.27 -10.01
CA MET A 3 10.81 15.83 -9.94
C MET A 3 10.16 15.12 -11.12
N LYS A 4 10.84 14.13 -11.67
CA LYS A 4 10.26 13.31 -12.72
C LYS A 4 10.12 11.89 -12.18
N ILE A 5 8.95 11.29 -12.38
CA ILE A 5 8.73 9.89 -12.00
C ILE A 5 8.30 9.09 -13.23
N ASP A 6 9.07 8.06 -13.56
CA ASP A 6 8.67 7.14 -14.62
C ASP A 6 8.28 5.81 -13.98
N VAL A 7 7.09 5.31 -14.28
CA VAL A 7 6.66 4.02 -13.77
C VAL A 7 6.60 3.04 -14.93
N VAL A 8 7.18 1.86 -14.77
CA VAL A 8 7.12 0.82 -15.82
C VAL A 8 6.34 -0.37 -15.29
N THR A 9 5.36 -0.81 -16.07
CA THR A 9 4.36 -1.77 -15.60
C THR A 9 3.72 -2.45 -16.81
N ILE A 10 3.25 -3.68 -16.65
CA ILE A 10 2.43 -4.27 -17.69
C ILE A 10 0.97 -3.87 -17.53
N PHE A 11 0.66 -3.12 -16.48
CA PHE A 11 -0.69 -2.57 -16.27
C PHE A 11 -0.72 -1.04 -16.24
N PRO A 12 -0.42 -0.39 -17.37
CA PRO A 12 -0.26 1.07 -17.38
C PRO A 12 -1.50 1.86 -16.95
N GLU A 13 -2.67 1.29 -17.19
CA GLU A 13 -3.92 1.99 -16.84
C GLU A 13 -4.08 2.10 -15.32
N TYR A 14 -3.38 1.24 -14.59
CA TYR A 14 -3.42 1.24 -13.13
C TYR A 14 -2.98 2.57 -12.56
N LEU A 15 -1.96 3.15 -13.17
CA LEU A 15 -1.34 4.36 -12.66
C LEU A 15 -1.83 5.64 -13.33
N GLN A 16 -2.80 5.54 -14.24
CA GLN A 16 -3.37 6.75 -14.81
C GLN A 16 -4.10 7.58 -13.74
N PRO A 17 -4.99 6.95 -12.94
CA PRO A 17 -5.52 7.77 -11.86
C PRO A 17 -4.52 7.93 -10.73
N VAL A 18 -4.02 9.16 -10.68
CA VAL A 18 -2.90 9.69 -9.89
C VAL A 18 -2.38 10.69 -10.95
N ARG A 19 -3.34 11.11 -11.77
CA ARG A 19 -3.27 12.32 -12.59
C ARG A 19 -3.92 13.43 -11.79
N GLN A 20 -3.52 13.51 -10.52
CA GLN A 20 -4.16 14.32 -9.49
C GLN A 20 -3.47 15.65 -9.28
N SER A 21 -2.96 16.24 -10.37
CA SER A 21 -2.02 17.35 -10.38
C SER A 21 -0.63 16.85 -9.97
N ALA A 29 -1.05 20.51 -11.44
CA ALA A 29 -0.44 21.65 -10.78
C ALA A 29 0.99 21.85 -11.25
N GLY A 30 1.46 20.92 -12.09
CA GLY A 30 2.71 21.04 -12.82
C GLY A 30 3.95 21.30 -11.99
N LEU A 31 4.12 20.54 -10.91
CA LEU A 31 5.35 20.61 -10.10
C LEU A 31 6.19 19.36 -10.33
N VAL A 32 5.51 18.23 -10.46
CA VAL A 32 6.16 16.97 -10.76
C VAL A 32 5.82 16.61 -12.20
N ASP A 33 6.48 15.58 -12.72
CA ASP A 33 6.03 14.94 -13.93
C ASP A 33 5.98 13.44 -13.68
N VAL A 34 4.85 12.82 -13.98
CA VAL A 34 4.69 11.39 -13.79
C VAL A 34 4.32 10.76 -15.13
N ALA A 35 5.16 9.86 -15.61
CA ALA A 35 4.92 9.18 -16.87
C ALA A 35 4.83 7.67 -16.65
N VAL A 36 3.87 7.04 -17.30
CA VAL A 36 3.67 5.60 -17.15
C VAL A 36 4.02 4.91 -18.47
N HIS A 37 4.80 3.84 -18.38
CA HIS A 37 5.27 3.11 -19.56
C HIS A 37 4.81 1.66 -19.55
N ASP A 38 4.27 1.20 -20.67
CA ASP A 38 3.89 -0.20 -20.81
C ASP A 38 5.15 -1.03 -21.04
N LEU A 39 5.46 -1.95 -20.11
CA LEU A 39 6.67 -2.78 -20.25
C LEU A 39 6.71 -3.54 -21.58
N ARG A 40 5.56 -3.81 -22.17
CA ARG A 40 5.53 -4.61 -23.41
C ARG A 40 6.13 -3.87 -24.59
N ARG A 41 6.38 -2.57 -24.43
CA ARG A 41 7.09 -1.79 -25.44
C ARG A 41 8.47 -2.36 -25.72
N TRP A 42 9.04 -3.01 -24.71
CA TRP A 42 10.41 -3.52 -24.82
C TRP A 42 10.50 -5.04 -24.98
N THR A 43 9.39 -5.70 -25.32
CA THR A 43 9.43 -7.14 -25.56
C THR A 43 10.03 -7.41 -26.94
N HIS A 44 10.53 -8.63 -27.14
CA HIS A 44 11.27 -8.97 -28.36
C HIS A 44 10.47 -9.79 -29.37
N ASP A 45 9.45 -10.48 -28.88
CA ASP A 45 8.74 -11.48 -29.67
C ASP A 45 7.33 -11.06 -29.98
N VAL A 46 6.72 -11.69 -30.97
CA VAL A 46 5.40 -11.27 -31.40
C VAL A 46 4.39 -11.56 -30.28
N HIS A 47 4.74 -12.47 -29.37
CA HIS A 47 3.87 -12.82 -28.25
C HIS A 47 3.97 -11.80 -27.10
N LYS A 48 4.92 -10.88 -27.21
CA LYS A 48 5.15 -9.86 -26.17
C LYS A 48 5.34 -10.49 -24.78
N SER A 49 6.28 -11.43 -24.68
CA SER A 49 6.53 -12.17 -23.45
C SER A 49 7.29 -11.33 -22.44
N VAL A 50 6.82 -11.30 -21.19
CA VAL A 50 7.54 -10.54 -20.16
C VAL A 50 8.05 -11.41 -19.03
N ASP A 51 7.62 -12.67 -18.99
CA ASP A 51 8.15 -13.57 -17.96
C ASP A 51 8.42 -14.95 -18.53
N ASP A 52 9.02 -15.79 -17.70
CA ASP A 52 9.50 -17.10 -18.12
C ASP A 52 9.65 -17.97 -16.87
N SER A 53 9.76 -19.28 -17.06
CA SER A 53 9.81 -20.21 -15.92
C SER A 53 11.05 -19.98 -15.06
N PRO A 54 10.92 -20.13 -13.73
CA PRO A 54 12.09 -19.86 -12.88
C PRO A 54 13.14 -20.96 -12.96
N TYR A 55 14.41 -20.57 -13.05
CA TYR A 55 15.51 -21.52 -12.95
C TYR A 55 15.49 -22.17 -11.57
N GLY A 56 15.70 -23.49 -11.51
CA GLY A 56 15.72 -24.17 -10.23
C GLY A 56 14.35 -24.73 -9.87
N GLY A 57 13.37 -24.41 -10.71
CA GLY A 57 12.02 -24.92 -10.54
C GLY A 57 11.17 -24.08 -9.60
N GLY A 58 9.94 -24.51 -9.39
CA GLY A 58 9.05 -23.79 -8.51
C GLY A 58 7.89 -23.17 -9.24
N PRO A 59 6.91 -22.66 -8.50
CA PRO A 59 5.68 -22.10 -9.04
C PRO A 59 5.86 -20.69 -9.61
N GLY A 60 4.88 -20.28 -10.42
CA GLY A 60 4.88 -18.94 -10.95
C GLY A 60 5.91 -18.72 -12.04
N MET A 61 6.14 -17.46 -12.33
CA MET A 61 7.06 -17.05 -13.39
C MET A 61 7.97 -15.96 -12.87
N VAL A 62 9.10 -15.77 -13.52
CA VAL A 62 10.05 -14.72 -13.17
C VAL A 62 10.12 -13.77 -14.36
N MET A 63 10.16 -12.46 -14.11
CA MET A 63 10.17 -11.51 -15.24
C MET A 63 11.52 -11.53 -15.94
N LYS A 64 11.49 -11.38 -17.26
CA LYS A 64 12.67 -11.57 -18.11
C LYS A 64 13.69 -10.44 -17.98
N PRO A 65 14.97 -10.83 -17.81
CA PRO A 65 15.99 -9.78 -17.69
C PRO A 65 16.20 -9.02 -18.99
N THR A 66 16.05 -9.68 -20.14
CA THR A 66 16.34 -9.00 -21.39
C THR A 66 15.33 -7.88 -21.67
N VAL A 67 14.07 -8.11 -21.31
CA VAL A 67 13.04 -7.10 -21.49
C VAL A 67 13.26 -5.92 -20.54
N TRP A 68 13.38 -6.21 -19.25
CA TRP A 68 13.61 -5.15 -18.26
C TRP A 68 14.91 -4.39 -18.50
N GLY A 69 15.97 -5.10 -18.89
CA GLY A 69 17.24 -4.46 -19.22
C GLY A 69 17.08 -3.38 -20.29
N ASP A 70 16.34 -3.70 -21.35
CA ASP A 70 16.12 -2.73 -22.43
C ASP A 70 15.28 -1.55 -21.95
N ALA A 71 14.25 -1.85 -21.16
CA ALA A 71 13.38 -0.79 -20.64
C ALA A 71 14.16 0.19 -19.79
N LEU A 72 14.90 -0.34 -18.82
CA LEU A 72 15.66 0.52 -17.91
C LEU A 72 16.78 1.27 -18.63
N ASP A 73 17.41 0.61 -19.62
CA ASP A 73 18.44 1.24 -20.43
C ASP A 73 17.93 2.52 -21.07
N GLU A 74 16.69 2.48 -21.53
CA GLU A 74 16.10 3.60 -22.24
C GLU A 74 15.62 4.71 -21.30
N ILE A 75 15.08 4.30 -20.15
CA ILE A 75 14.42 5.23 -19.23
C ILE A 75 15.36 5.83 -18.18
N CYS A 76 16.32 5.04 -17.71
CA CYS A 76 17.22 5.50 -16.65
C CYS A 76 18.43 6.27 -17.14
N THR A 77 18.93 7.13 -16.26
CA THR A 77 20.18 7.82 -16.47
C THR A 77 21.04 7.58 -15.24
N SER A 78 22.26 8.11 -15.25
CA SER A 78 23.12 7.97 -14.09
C SER A 78 22.52 8.67 -12.87
N GLU A 79 21.65 9.66 -13.09
CA GLU A 79 21.11 10.42 -11.97
C GLU A 79 19.88 9.74 -11.36
N THR A 80 19.39 8.69 -12.02
CA THR A 80 18.18 8.01 -11.60
C THR A 80 18.27 7.26 -10.26
N LEU A 81 17.22 7.37 -9.46
CA LEU A 81 17.04 6.47 -8.33
C LEU A 81 16.03 5.40 -8.73
N LEU A 82 16.52 4.17 -8.87
CA LEU A 82 15.67 3.07 -9.34
C LEU A 82 15.01 2.40 -8.15
N VAL A 83 13.69 2.53 -8.10
CA VAL A 83 12.89 1.94 -7.03
C VAL A 83 12.24 0.65 -7.50
N VAL A 84 12.47 -0.44 -6.76
CA VAL A 84 11.95 -1.73 -7.16
C VAL A 84 11.13 -2.29 -6.00
N PRO A 85 9.80 -2.10 -6.05
CA PRO A 85 8.96 -2.67 -4.99
C PRO A 85 9.01 -4.20 -5.03
N THR A 86 9.23 -4.80 -3.87
CA THR A 86 9.31 -6.26 -3.78
C THR A 86 8.99 -6.67 -2.35
N PRO A 87 8.29 -7.80 -2.20
CA PRO A 87 7.97 -8.25 -0.85
C PRO A 87 9.22 -8.61 -0.05
N ALA A 88 10.34 -8.80 -0.75
CA ALA A 88 11.60 -9.14 -0.11
C ALA A 88 12.48 -7.92 0.11
N GLY A 89 11.90 -6.73 0.05
CA GLY A 89 12.69 -5.50 0.07
C GLY A 89 12.93 -4.97 1.45
N TYR A 90 13.81 -3.96 1.56
CA TYR A 90 13.94 -3.18 2.80
C TYR A 90 12.61 -2.47 3.05
N PRO A 91 12.29 -2.20 4.32
CA PRO A 91 11.03 -1.50 4.59
C PRO A 91 11.02 -0.09 4.02
N PHE A 92 9.93 0.27 3.34
CA PHE A 92 9.67 1.65 2.93
C PHE A 92 9.00 2.35 4.11
N THR A 93 9.62 3.41 4.61
CA THR A 93 9.08 4.13 5.74
C THR A 93 8.98 5.63 5.43
N GLN A 94 8.45 6.39 6.38
CA GLN A 94 8.30 7.82 6.20
C GLN A 94 9.67 8.45 5.97
N GLU A 95 10.67 7.92 6.65
CA GLU A 95 12.03 8.44 6.48
C GLU A 95 12.47 8.25 5.03
N THR A 96 12.11 7.11 4.47
CA THR A 96 12.46 6.79 3.08
C THR A 96 11.78 7.81 2.16
N ALA A 97 10.49 8.03 2.40
CA ALA A 97 9.72 8.99 1.62
C ALA A 97 10.36 10.39 1.66
N TRP A 98 10.76 10.84 2.85
CA TRP A 98 11.43 12.13 2.96
C TRP A 98 12.69 12.16 2.11
N GLN A 99 13.49 11.11 2.19
CA GLN A 99 14.72 11.05 1.41
C GLN A 99 14.46 11.16 -0.09
N TRP A 100 13.50 10.38 -0.58
CA TRP A 100 13.25 10.31 -2.01
C TRP A 100 12.56 11.57 -2.55
N SER A 101 11.98 12.37 -1.66
CA SER A 101 11.20 13.54 -2.09
C SER A 101 12.07 14.65 -2.67
N THR A 102 13.38 14.56 -2.48
CA THR A 102 14.30 15.56 -3.01
C THR A 102 15.04 15.04 -4.25
N GLU A 103 14.73 13.81 -4.66
CA GLU A 103 15.35 13.24 -5.87
C GLU A 103 14.82 13.92 -7.14
N ASP A 104 15.69 14.11 -8.13
CA ASP A 104 15.29 14.68 -9.41
C ASP A 104 14.57 13.65 -10.29
N HIS A 105 14.91 12.38 -10.15
CA HIS A 105 14.37 11.37 -11.03
C HIS A 105 14.18 10.03 -10.33
N LEU A 106 12.92 9.63 -10.20
CA LEU A 106 12.59 8.29 -9.71
C LEU A 106 12.11 7.44 -10.87
N VAL A 107 12.57 6.20 -10.92
CA VAL A 107 11.99 5.22 -11.83
C VAL A 107 11.50 4.06 -10.98
N ILE A 108 10.21 3.75 -11.08
CA ILE A 108 9.63 2.65 -10.32
C ILE A 108 9.37 1.45 -11.23
N ALA A 109 10.02 0.32 -10.95
CA ALA A 109 9.86 -0.88 -11.76
C ALA A 109 8.85 -1.83 -11.11
N CYS A 110 7.65 -1.92 -11.68
CA CYS A 110 6.61 -2.77 -11.10
C CYS A 110 6.66 -4.18 -11.69
N GLY A 111 6.86 -5.17 -10.83
CA GLY A 111 6.85 -6.56 -11.27
C GLY A 111 5.93 -7.43 -10.45
N ARG A 112 5.72 -8.66 -10.90
CA ARG A 112 4.92 -9.65 -10.15
C ARG A 112 5.65 -10.10 -8.88
N TYR A 113 4.91 -10.66 -7.93
CA TYR A 113 5.50 -10.92 -6.61
C TYR A 113 6.62 -11.95 -6.66
N GLU A 114 6.58 -12.86 -7.64
CA GLU A 114 7.62 -13.87 -7.79
C GLU A 114 8.94 -13.26 -8.19
N GLY A 115 8.87 -12.08 -8.78
CA GLY A 115 10.04 -11.23 -8.92
C GLY A 115 10.52 -10.98 -10.33
N ILE A 116 11.45 -10.03 -10.41
CA ILE A 116 12.22 -9.76 -11.63
C ILE A 116 13.55 -10.47 -11.48
N ASP A 117 14.02 -11.10 -12.57
CA ASP A 117 15.36 -11.71 -12.57
C ASP A 117 16.35 -10.80 -11.83
N GLN A 118 17.02 -11.35 -10.83
CA GLN A 118 17.85 -10.54 -9.92
C GLN A 118 18.97 -9.80 -10.67
N ARG A 119 19.36 -10.29 -11.84
CA ARG A 119 20.48 -9.66 -12.54
C ARG A 119 20.13 -8.26 -13.04
N VAL A 120 18.83 -7.97 -13.14
CA VAL A 120 18.39 -6.67 -13.62
C VAL A 120 18.80 -5.61 -12.62
N ALA A 121 18.45 -5.82 -11.35
CA ALA A 121 18.85 -4.90 -10.30
C ALA A 121 20.35 -4.88 -10.11
N ASP A 122 20.98 -6.06 -10.15
CA ASP A 122 22.42 -6.18 -9.97
C ASP A 122 23.17 -5.34 -11.03
N ASP A 123 22.74 -5.49 -12.28
CA ASP A 123 23.32 -4.72 -13.38
C ASP A 123 23.06 -3.23 -13.22
N ALA A 124 21.81 -2.87 -12.95
CA ALA A 124 21.45 -1.45 -12.82
C ALA A 124 22.29 -0.81 -11.71
N ALA A 125 22.53 -1.57 -10.66
CA ALA A 125 23.23 -1.03 -9.50
C ALA A 125 24.69 -0.68 -9.78
N THR A 126 25.23 -1.15 -10.91
CA THR A 126 26.60 -0.83 -11.27
C THR A 126 26.70 0.55 -11.94
N ARG A 127 25.54 1.15 -12.21
CA ARG A 127 25.44 2.41 -12.95
C ARG A 127 24.57 3.46 -12.28
N MET A 128 23.71 3.04 -11.37
CA MET A 128 22.79 3.96 -10.71
C MET A 128 22.47 3.43 -9.32
N ARG A 129 21.78 4.24 -8.52
CA ARG A 129 21.37 3.80 -7.20
C ARG A 129 20.07 3.01 -7.30
N VAL A 130 20.04 1.89 -6.63
CA VAL A 130 18.88 1.00 -6.72
C VAL A 130 18.37 0.71 -5.32
N ARG A 131 17.05 0.75 -5.15
CA ARG A 131 16.44 0.51 -3.83
C ARG A 131 15.32 -0.49 -3.95
N GLU A 132 15.49 -1.66 -3.36
CA GLU A 132 14.42 -2.66 -3.34
C GLU A 132 13.66 -2.50 -2.04
N VAL A 133 12.35 -2.29 -2.11
CA VAL A 133 11.60 -1.94 -0.90
C VAL A 133 10.24 -2.59 -0.84
N SER A 134 9.82 -2.91 0.38
CA SER A 134 8.49 -3.45 0.64
C SER A 134 7.67 -2.42 1.39
N ILE A 135 6.41 -2.21 0.99
CA ILE A 135 5.57 -1.26 1.70
C ILE A 135 4.85 -1.85 2.92
N GLY A 136 5.04 -3.14 3.18
CA GLY A 136 4.38 -3.77 4.33
C GLY A 136 4.53 -5.28 4.38
N ASP A 137 4.14 -5.88 5.51
CA ASP A 137 4.30 -7.31 5.71
C ASP A 137 3.07 -8.06 5.26
N TYR A 138 2.80 -7.95 3.98
CA TYR A 138 1.71 -8.68 3.36
C TYR A 138 2.16 -8.91 1.93
N VAL A 139 1.46 -9.78 1.23
CA VAL A 139 1.82 -10.09 -0.14
C VAL A 139 0.77 -9.58 -1.13
N LEU A 140 1.24 -8.82 -2.10
CA LEU A 140 0.43 -8.37 -3.22
C LEU A 140 0.77 -9.25 -4.40
N ASN A 141 -0.09 -9.25 -5.41
CA ASN A 141 0.23 -10.00 -6.62
C ASN A 141 1.26 -9.29 -7.49
N GLY A 142 1.33 -7.97 -7.41
CA GLY A 142 2.22 -7.19 -8.26
C GLY A 142 2.62 -5.88 -7.59
N GLY A 143 3.62 -5.22 -8.15
CA GLY A 143 4.13 -3.97 -7.56
C GLY A 143 3.31 -2.72 -7.77
N GLU A 144 2.27 -2.78 -8.61
CA GLU A 144 1.51 -1.59 -8.98
C GLU A 144 0.91 -0.85 -7.77
N ALA A 145 0.20 -1.55 -6.90
CA ALA A 145 -0.34 -0.87 -5.71
C ALA A 145 0.76 -0.30 -4.81
N ALA A 146 1.89 -0.98 -4.74
CA ALA A 146 3.01 -0.47 -3.95
C ALA A 146 3.56 0.83 -4.56
N ALA A 147 3.57 0.88 -5.89
CA ALA A 147 3.99 2.07 -6.63
C ALA A 147 3.08 3.27 -6.31
N LEU A 148 1.78 3.02 -6.31
CA LEU A 148 0.79 4.04 -5.94
C LEU A 148 1.03 4.59 -4.53
N VAL A 149 1.26 3.69 -3.59
CA VAL A 149 1.57 4.09 -2.21
C VAL A 149 2.86 4.91 -2.12
N ILE A 150 3.92 4.44 -2.77
CA ILE A 150 5.19 5.16 -2.79
C ILE A 150 5.03 6.54 -3.45
N ILE A 151 4.30 6.61 -4.56
CA ILE A 151 4.14 7.90 -5.26
C ILE A 151 3.41 8.91 -4.39
N GLU A 152 2.36 8.45 -3.73
CA GLU A 152 1.58 9.31 -2.85
C GLU A 152 2.42 9.81 -1.70
N ALA A 153 3.12 8.89 -1.03
CA ALA A 153 3.88 9.23 0.18
C ALA A 153 5.03 10.17 -0.11
N VAL A 154 5.66 9.98 -1.27
CA VAL A 154 6.78 10.85 -1.66
C VAL A 154 6.29 12.23 -2.13
N LEU A 155 5.34 12.24 -3.06
CA LEU A 155 4.92 13.50 -3.68
C LEU A 155 4.24 14.48 -2.72
N ARG A 156 3.57 13.98 -1.70
CA ARG A 156 2.91 14.89 -0.76
C ARG A 156 3.93 15.63 0.10
N LEU A 157 5.17 15.16 0.08
CA LEU A 157 6.28 15.81 0.77
C LEU A 157 7.02 16.82 -0.11
N VAL A 158 6.81 16.75 -1.42
CA VAL A 158 7.51 17.63 -2.33
C VAL A 158 7.07 19.05 -2.08
N PRO A 159 8.01 19.90 -1.62
CA PRO A 159 7.74 21.29 -1.27
C PRO A 159 7.02 21.98 -2.42
N GLY A 160 5.75 21.65 -2.57
CA GLY A 160 4.94 22.13 -3.66
C GLY A 160 3.49 22.24 -3.24
N SER A 179 7.93 6.96 17.33
CA SER A 179 7.20 8.02 18.02
C SER A 179 5.91 7.46 18.61
N LEU A 180 4.84 8.25 18.54
CA LEU A 180 3.55 7.84 19.09
C LEU A 180 2.47 7.99 18.03
N LEU A 181 1.38 7.24 18.17
CA LEU A 181 0.24 7.37 17.27
C LEU A 181 -0.59 8.62 17.57
N GLU A 182 -1.22 9.17 16.53
CA GLU A 182 -2.15 10.29 16.72
C GLU A 182 -3.40 9.78 17.43
N GLY A 183 -3.95 10.57 18.34
CA GLY A 183 -5.16 10.19 19.06
C GLY A 183 -6.42 10.53 18.27
N PRO A 184 -7.59 10.35 18.90
CA PRO A 184 -8.87 10.63 18.23
C PRO A 184 -9.05 12.10 17.90
N SER A 185 -9.78 12.32 16.80
CA SER A 185 -10.08 13.66 16.34
C SER A 185 -11.58 13.87 16.40
N TYR A 186 -12.04 15.11 16.58
CA TYR A 186 -13.46 15.41 16.68
C TYR A 186 -13.78 16.71 15.96
N THR A 187 -15.01 16.82 15.46
CA THR A 187 -15.50 18.10 14.96
C THR A 187 -16.99 18.21 15.24
N ARG A 188 -17.64 19.21 14.65
CA ARG A 188 -19.06 19.43 14.96
C ARG A 188 -19.95 18.30 14.44
N PRO A 189 -21.09 18.05 15.11
CA PRO A 189 -21.64 18.75 16.27
C PRO A 189 -21.05 18.30 17.60
N PRO A 190 -21.24 19.08 18.69
CA PRO A 190 -20.62 18.68 19.95
C PRO A 190 -21.22 17.39 20.53
N SER A 191 -22.42 17.05 20.08
CA SER A 191 -23.07 15.82 20.51
C SER A 191 -23.69 15.15 19.31
N TRP A 192 -23.39 13.87 19.13
CA TRP A 192 -23.83 13.10 17.96
C TRP A 192 -24.10 11.66 18.35
N ARG A 193 -25.34 11.20 18.14
CA ARG A 193 -25.77 9.83 18.47
C ARG A 193 -25.39 9.42 19.89
N GLY A 194 -25.60 10.34 20.84
CA GLY A 194 -25.39 10.05 22.24
C GLY A 194 -23.95 10.16 22.71
N MET A 195 -23.05 10.59 21.82
CA MET A 195 -21.65 10.71 22.17
C MET A 195 -21.17 12.16 22.11
N ASP A 196 -20.63 12.66 23.23
CA ASP A 196 -20.13 14.03 23.32
C ASP A 196 -18.64 14.15 22.99
N VAL A 197 -18.28 15.23 22.32
CA VAL A 197 -16.87 15.59 22.18
C VAL A 197 -16.30 15.75 23.59
N PRO A 198 -15.12 15.18 23.85
CA PRO A 198 -14.47 15.34 25.17
C PRO A 198 -14.41 16.80 25.59
N PRO A 199 -15.04 17.15 26.73
CA PRO A 199 -15.18 18.54 27.16
C PRO A 199 -13.88 19.30 27.21
N VAL A 200 -12.77 18.62 27.49
CA VAL A 200 -11.47 19.31 27.58
C VAL A 200 -11.17 20.08 26.30
N LEU A 201 -11.62 19.54 25.16
CA LEU A 201 -11.30 20.14 23.86
C LEU A 201 -12.00 21.48 23.68
N LEU A 202 -13.06 21.68 24.45
CA LEU A 202 -13.79 22.95 24.44
C LEU A 202 -13.39 23.88 25.60
N SER A 203 -12.30 23.56 26.30
CA SER A 203 -12.00 24.24 27.56
C SER A 203 -11.27 25.57 27.41
N GLY A 204 -10.66 25.81 26.25
CA GLY A 204 -9.84 27.00 26.10
C GLY A 204 -8.58 26.98 26.95
N ASP A 205 -8.23 25.79 27.47
CA ASP A 205 -6.99 25.60 28.22
C ASP A 205 -6.06 24.82 27.32
N HIS A 206 -5.23 25.50 26.55
CA HIS A 206 -4.54 24.80 25.48
C HIS A 206 -3.35 23.98 25.96
N ALA A 207 -2.77 24.33 27.10
CA ALA A 207 -1.75 23.48 27.70
C ALA A 207 -2.38 22.18 28.18
N LYS A 208 -3.55 22.27 28.80
CA LYS A 208 -4.27 21.07 29.24
C LYS A 208 -4.68 20.18 28.08
N ILE A 209 -5.13 20.80 27.00
CA ILE A 209 -5.54 20.07 25.82
C ILE A 209 -4.39 19.25 25.26
N ALA A 210 -3.22 19.88 25.17
CA ALA A 210 -2.02 19.19 24.69
C ALA A 210 -1.67 17.99 25.58
N ALA A 211 -1.74 18.17 26.89
CA ALA A 211 -1.44 17.08 27.80
C ALA A 211 -2.47 15.96 27.66
N TRP A 212 -3.73 16.31 27.47
CA TRP A 212 -4.78 15.30 27.28
C TRP A 212 -4.53 14.51 26.00
N ARG A 213 -4.19 15.21 24.93
CA ARG A 213 -3.90 14.57 23.66
C ARG A 213 -2.68 13.64 23.77
N ALA A 214 -1.70 14.08 24.55
CA ALA A 214 -0.51 13.26 24.78
C ALA A 214 -0.88 11.94 25.45
N GLU A 215 -1.79 12.00 26.42
CA GLU A 215 -2.17 10.79 27.13
C GLU A 215 -2.98 9.87 26.22
N GLN A 216 -3.83 10.48 25.38
CA GLN A 216 -4.64 9.69 24.44
C GLN A 216 -3.74 8.97 23.45
N SER A 217 -2.69 9.66 23.03
CA SER A 217 -1.68 9.10 22.15
CA SER A 217 -1.71 9.07 22.13
C SER A 217 -0.94 7.93 22.79
N ARG A 218 -0.54 8.12 24.04
CA ARG A 218 0.16 7.07 24.77
C ARG A 218 -0.74 5.85 24.88
N GLN A 219 -1.98 6.06 25.28
CA GLN A 219 -2.89 4.92 25.48
C GLN A 219 -3.15 4.19 24.17
N ARG A 220 -3.31 4.93 23.10
CA ARG A 220 -3.62 4.32 21.81
C ARG A 220 -2.40 3.57 21.27
N THR A 221 -1.21 4.14 21.47
CA THR A 221 0.02 3.48 21.03
C THR A 221 0.24 2.17 21.80
N ILE A 222 0.01 2.17 23.11
CA ILE A 222 0.10 0.95 23.93
C ILE A 222 -0.84 -0.14 23.40
N GLU A 223 -2.05 0.27 23.06
CA GLU A 223 -3.09 -0.66 22.65
C GLU A 223 -2.84 -1.22 21.25
N ARG A 224 -2.47 -0.36 20.31
CA ARG A 224 -2.41 -0.74 18.90
C ARG A 224 -1.02 -1.06 18.38
N ARG A 225 -0.01 -0.37 18.90
CA ARG A 225 1.35 -0.48 18.38
C ARG A 225 2.37 -0.50 19.50
N PRO A 226 2.30 -1.50 20.40
CA PRO A 226 3.25 -1.57 21.51
C PRO A 226 4.70 -1.62 21.04
N ASP A 227 4.92 -2.08 19.81
CA ASP A 227 6.25 -2.11 19.21
C ASP A 227 6.89 -0.72 19.15
N LEU A 228 6.09 0.33 19.01
CA LEU A 228 6.63 1.69 18.93
C LEU A 228 7.15 2.22 20.27
N LEU A 229 6.93 1.46 21.35
CA LEU A 229 7.35 1.91 22.66
C LEU A 229 8.51 1.10 23.21
N SER B 2 -19.03 -16.03 -2.97
CA SER B 2 -18.85 -14.65 -3.42
C SER B 2 -18.73 -13.69 -2.24
N MET B 3 -17.86 -12.69 -2.40
CA MET B 3 -17.65 -11.68 -1.38
C MET B 3 -18.12 -10.34 -1.92
N LYS B 4 -18.57 -9.45 -1.04
CA LYS B 4 -18.95 -8.11 -1.45
C LYS B 4 -18.02 -7.09 -0.77
N ILE B 5 -17.43 -6.20 -1.56
CA ILE B 5 -16.61 -5.11 -1.01
C ILE B 5 -17.21 -3.78 -1.45
N ASP B 6 -17.61 -2.96 -0.48
CA ASP B 6 -18.03 -1.60 -0.74
C ASP B 6 -16.91 -0.66 -0.29
N VAL B 7 -16.58 0.30 -1.14
CA VAL B 7 -15.59 1.34 -0.77
C VAL B 7 -16.30 2.70 -0.75
N VAL B 8 -16.10 3.48 0.32
CA VAL B 8 -16.69 4.82 0.40
C VAL B 8 -15.58 5.85 0.42
N THR B 9 -15.68 6.86 -0.46
CA THR B 9 -14.58 7.81 -0.71
C THR B 9 -15.12 9.11 -1.31
N ILE B 10 -14.38 10.21 -1.13
CA ILE B 10 -14.72 11.43 -1.88
C ILE B 10 -13.99 11.46 -3.23
N PHE B 11 -13.16 10.46 -3.49
CA PHE B 11 -12.52 10.33 -4.79
C PHE B 11 -12.86 8.99 -5.43
N PRO B 12 -14.14 8.80 -5.83
CA PRO B 12 -14.54 7.53 -6.43
C PRO B 12 -13.77 7.17 -7.71
N GLU B 13 -13.42 8.16 -8.53
CA GLU B 13 -12.71 7.86 -9.77
C GLU B 13 -11.35 7.24 -9.49
N TYR B 14 -10.78 7.60 -8.35
CA TYR B 14 -9.45 7.16 -7.96
C TYR B 14 -9.40 5.64 -7.70
N LEU B 15 -10.55 5.04 -7.44
CA LEU B 15 -10.57 3.62 -7.12
C LEU B 15 -10.69 2.76 -8.38
N GLN B 16 -10.66 3.41 -9.54
CA GLN B 16 -10.67 2.73 -10.84
C GLN B 16 -9.55 1.69 -11.07
N PRO B 17 -8.33 1.91 -10.53
CA PRO B 17 -7.28 0.87 -10.65
C PRO B 17 -7.68 -0.53 -10.19
N VAL B 18 -8.80 -0.66 -9.49
CA VAL B 18 -9.30 -1.96 -9.04
C VAL B 18 -9.84 -2.80 -10.21
N ARG B 19 -9.93 -2.20 -11.40
CA ARG B 19 -10.40 -2.88 -12.61
C ARG B 19 -9.26 -3.64 -13.30
N GLN B 20 -9.61 -4.35 -14.38
CA GLN B 20 -8.69 -5.18 -15.22
C GLN B 20 -7.26 -5.41 -14.69
N SER B 21 -7.17 -6.19 -13.62
CA SER B 21 -5.94 -6.43 -12.86
C SER B 21 -6.15 -7.73 -12.07
N LEU B 22 -5.48 -7.91 -10.94
CA LEU B 22 -5.82 -9.07 -10.11
C LEU B 22 -7.25 -8.93 -9.56
N PRO B 23 -7.57 -7.77 -8.93
CA PRO B 23 -8.98 -7.58 -8.53
C PRO B 23 -9.93 -7.54 -9.73
N GLY B 24 -9.45 -7.01 -10.85
CA GLY B 24 -10.23 -7.00 -12.08
C GLY B 24 -10.58 -8.40 -12.53
N LYS B 25 -9.59 -9.29 -12.48
CA LYS B 25 -9.80 -10.70 -12.82
C LYS B 25 -10.79 -11.36 -11.87
N ALA B 26 -10.70 -11.03 -10.59
CA ALA B 26 -11.59 -11.62 -9.59
C ALA B 26 -13.03 -11.18 -9.80
N ILE B 27 -13.21 -9.90 -10.14
CA ILE B 27 -14.53 -9.35 -10.41
C ILE B 27 -15.11 -10.04 -11.64
N ASP B 28 -14.31 -10.10 -12.70
CA ASP B 28 -14.73 -10.70 -13.97
C ASP B 28 -15.11 -12.18 -13.81
N ALA B 29 -14.45 -12.86 -12.88
CA ALA B 29 -14.75 -14.27 -12.60
C ALA B 29 -15.92 -14.40 -11.61
N GLY B 30 -16.46 -13.26 -11.18
CA GLY B 30 -17.62 -13.24 -10.31
C GLY B 30 -17.37 -13.73 -8.89
N LEU B 31 -16.10 -13.71 -8.47
CA LEU B 31 -15.76 -14.19 -7.15
C LEU B 31 -15.86 -13.06 -6.13
N VAL B 32 -15.99 -11.84 -6.64
CA VAL B 32 -16.19 -10.69 -5.79
C VAL B 32 -16.97 -9.61 -6.55
N ASP B 33 -17.75 -8.85 -5.81
CA ASP B 33 -18.42 -7.68 -6.35
C ASP B 33 -17.86 -6.46 -5.63
N VAL B 34 -17.28 -5.53 -6.38
CA VAL B 34 -16.70 -4.32 -5.78
C VAL B 34 -17.51 -3.10 -6.19
N ALA B 35 -18.04 -2.39 -5.20
CA ALA B 35 -18.83 -1.20 -5.46
C ALA B 35 -18.20 0.02 -4.81
N VAL B 36 -18.09 1.12 -5.56
CA VAL B 36 -17.48 2.34 -5.04
C VAL B 36 -18.54 3.42 -4.92
N HIS B 37 -18.59 4.08 -3.78
CA HIS B 37 -19.61 5.09 -3.50
C HIS B 37 -19.01 6.44 -3.16
N ASP B 38 -19.54 7.48 -3.77
CA ASP B 38 -19.13 8.83 -3.47
C ASP B 38 -19.76 9.25 -2.15
N LEU B 39 -18.92 9.52 -1.15
CA LEU B 39 -19.40 9.95 0.18
C LEU B 39 -20.34 11.17 0.08
N ARG B 40 -20.10 12.02 -0.90
CA ARG B 40 -20.85 13.26 -1.03
C ARG B 40 -22.33 13.01 -1.32
N ARG B 41 -22.65 11.78 -1.73
CA ARG B 41 -24.04 11.37 -1.95
C ARG B 41 -24.90 11.48 -0.70
N TRP B 42 -24.27 11.52 0.47
CA TRP B 42 -25.02 11.58 1.73
C TRP B 42 -24.98 12.96 2.40
N THR B 43 -24.55 13.97 1.64
CA THR B 43 -24.63 15.35 2.13
C THR B 43 -25.97 15.96 1.73
N HIS B 44 -26.30 17.11 2.32
CA HIS B 44 -27.58 17.75 2.04
C HIS B 44 -27.46 19.25 1.76
N ASP B 45 -26.34 19.86 2.18
CA ASP B 45 -26.05 21.23 1.78
C ASP B 45 -25.62 21.22 0.32
N VAL B 46 -25.73 22.37 -0.34
CA VAL B 46 -25.48 22.43 -1.78
C VAL B 46 -23.99 22.53 -2.12
N HIS B 47 -23.16 22.74 -1.10
CA HIS B 47 -21.71 22.78 -1.30
C HIS B 47 -21.07 21.46 -0.86
N LYS B 48 -21.92 20.53 -0.42
CA LYS B 48 -21.53 19.13 -0.19
C LYS B 48 -20.34 18.98 0.75
N SER B 49 -20.38 19.69 1.88
CA SER B 49 -19.26 19.71 2.82
C SER B 49 -19.11 18.39 3.58
N VAL B 50 -17.92 17.83 3.59
CA VAL B 50 -17.69 16.59 4.33
C VAL B 50 -16.72 16.76 5.50
N ASP B 51 -16.15 17.96 5.65
CA ASP B 51 -15.11 18.21 6.65
C ASP B 51 -15.35 19.51 7.44
N ASP B 52 -14.70 19.64 8.59
CA ASP B 52 -14.85 20.83 9.43
C ASP B 52 -13.61 20.92 10.30
N SER B 53 -13.37 22.09 10.90
CA SER B 53 -12.15 22.28 11.68
C SER B 53 -12.21 21.47 12.98
N PRO B 54 -11.05 21.01 13.48
CA PRO B 54 -11.06 20.12 14.65
C PRO B 54 -11.40 20.85 15.93
N TYR B 55 -12.17 20.20 16.79
CA TYR B 55 -12.32 20.67 18.16
C TYR B 55 -10.98 20.60 18.86
N GLY B 56 -10.66 21.63 19.64
CA GLY B 56 -9.42 21.60 20.40
C GLY B 56 -8.22 22.14 19.65
N GLY B 57 -8.39 22.40 18.36
CA GLY B 57 -7.32 22.98 17.58
C GLY B 57 -6.52 21.93 16.84
N GLY B 58 -5.51 22.41 16.11
CA GLY B 58 -4.67 21.53 15.34
C GLY B 58 -4.80 21.86 13.86
N PRO B 59 -3.93 21.27 13.04
CA PRO B 59 -3.89 21.54 11.60
C PRO B 59 -4.97 20.78 10.83
N GLY B 60 -5.40 21.36 9.73
CA GLY B 60 -6.23 20.62 8.78
C GLY B 60 -7.69 20.54 9.16
N MET B 61 -8.37 19.55 8.59
CA MET B 61 -9.79 19.36 8.80
C MET B 61 -10.07 17.94 9.25
N VAL B 62 -11.25 17.75 9.82
CA VAL B 62 -11.72 16.45 10.27
C VAL B 62 -13.01 16.14 9.52
N MET B 63 -13.16 14.91 9.03
CA MET B 63 -14.39 14.57 8.34
C MET B 63 -15.55 14.48 9.33
N LYS B 64 -16.67 15.11 8.96
CA LYS B 64 -17.86 15.23 9.78
C LYS B 64 -18.45 13.87 10.06
N PRO B 65 -18.92 13.65 11.30
CA PRO B 65 -19.53 12.35 11.59
C PRO B 65 -20.91 12.17 10.95
N THR B 66 -21.65 13.25 10.75
CA THR B 66 -23.03 13.16 10.25
C THR B 66 -23.11 12.48 8.89
N VAL B 67 -22.29 12.94 7.95
CA VAL B 67 -22.30 12.37 6.60
C VAL B 67 -21.88 10.90 6.60
N TRP B 68 -20.82 10.59 7.35
CA TRP B 68 -20.32 9.22 7.42
C TRP B 68 -21.36 8.30 8.06
N GLY B 69 -22.01 8.79 9.12
CA GLY B 69 -23.03 8.02 9.79
C GLY B 69 -24.17 7.63 8.87
N ASP B 70 -24.62 8.57 8.04
CA ASP B 70 -25.69 8.27 7.10
C ASP B 70 -25.24 7.27 6.04
N ALA B 71 -24.02 7.46 5.51
CA ALA B 71 -23.49 6.55 4.50
C ALA B 71 -23.38 5.11 5.01
N LEU B 72 -22.84 4.95 6.20
CA LEU B 72 -22.64 3.62 6.77
C LEU B 72 -23.98 2.99 7.19
N ASP B 73 -24.93 3.82 7.59
CA ASP B 73 -26.29 3.33 7.87
C ASP B 73 -26.87 2.61 6.66
N GLU B 74 -26.62 3.17 5.48
CA GLU B 74 -27.21 2.65 4.25
C GLU B 74 -26.45 1.42 3.75
N ILE B 75 -25.13 1.42 3.93
CA ILE B 75 -24.29 0.40 3.32
C ILE B 75 -24.00 -0.81 4.22
N CYS B 76 -23.87 -0.58 5.52
CA CYS B 76 -23.49 -1.66 6.44
C CYS B 76 -24.67 -2.43 7.05
N THR B 77 -24.43 -3.69 7.39
CA THR B 77 -25.34 -4.47 8.22
C THR B 77 -24.56 -4.96 9.43
N SER B 78 -25.23 -5.67 10.34
CA SER B 78 -24.54 -6.15 11.54
C SER B 78 -23.45 -7.19 11.22
N GLU B 79 -23.50 -7.77 10.01
CA GLU B 79 -22.55 -8.80 9.59
C GLU B 79 -21.31 -8.19 8.92
N THR B 80 -21.38 -6.89 8.65
CA THR B 80 -20.32 -6.18 7.95
C THR B 80 -19.02 -6.10 8.75
N LEU B 81 -17.89 -6.30 8.07
CA LEU B 81 -16.61 -5.91 8.65
C LEU B 81 -16.25 -4.52 8.13
N LEU B 82 -16.28 -3.53 9.02
CA LEU B 82 -15.94 -2.16 8.65
C LEU B 82 -14.45 -1.96 8.80
N VAL B 83 -13.79 -1.69 7.67
CA VAL B 83 -12.37 -1.44 7.63
C VAL B 83 -12.11 0.06 7.47
N VAL B 84 -11.34 0.64 8.38
CA VAL B 84 -11.00 2.06 8.28
C VAL B 84 -9.49 2.20 8.23
N PRO B 85 -8.94 2.41 7.04
CA PRO B 85 -7.50 2.65 6.95
C PRO B 85 -7.13 3.94 7.69
N THR B 86 -6.11 3.86 8.54
CA THR B 86 -5.61 5.04 9.26
C THR B 86 -4.17 4.80 9.72
N PRO B 87 -3.34 5.86 9.70
CA PRO B 87 -1.95 5.65 10.16
C PRO B 87 -1.89 5.31 11.65
N ALA B 88 -2.99 5.57 12.34
CA ALA B 88 -3.09 5.26 13.76
C ALA B 88 -3.71 3.90 14.02
N GLY B 89 -3.82 3.05 13.00
CA GLY B 89 -4.52 1.79 13.19
C GLY B 89 -3.67 0.65 13.72
N TYR B 90 -4.32 -0.46 14.07
CA TYR B 90 -3.59 -1.71 14.27
C TYR B 90 -2.90 -2.10 12.95
N PRO B 91 -1.77 -2.81 13.02
CA PRO B 91 -1.10 -3.22 11.78
C PRO B 91 -1.95 -4.18 10.91
N PHE B 92 -2.05 -3.86 9.61
CA PHE B 92 -2.62 -4.79 8.64
C PHE B 92 -1.50 -5.71 8.19
N THR B 93 -1.61 -7.01 8.46
CA THR B 93 -0.56 -7.92 8.06
C THR B 93 -1.11 -9.04 7.19
N GLN B 94 -0.24 -9.97 6.79
CA GLN B 94 -0.67 -11.11 5.99
C GLN B 94 -1.70 -11.95 6.75
N GLU B 95 -1.54 -12.03 8.07
CA GLU B 95 -2.51 -12.78 8.85
C GLU B 95 -3.89 -12.14 8.76
N THR B 96 -3.92 -10.81 8.78
CA THR B 96 -5.16 -10.04 8.63
C THR B 96 -5.81 -10.33 7.28
N ALA B 97 -4.97 -10.37 6.25
CA ALA B 97 -5.45 -10.64 4.89
C ALA B 97 -6.11 -12.03 4.80
N TRP B 98 -5.47 -13.03 5.38
CA TRP B 98 -6.05 -14.37 5.41
C TRP B 98 -7.38 -14.35 6.13
N GLN B 99 -7.43 -13.60 7.23
CA GLN B 99 -8.65 -13.56 8.02
C GLN B 99 -9.79 -12.92 7.22
N TRP B 100 -9.52 -11.78 6.60
CA TRP B 100 -10.57 -11.05 5.91
C TRP B 100 -10.98 -11.74 4.62
N SER B 101 -10.16 -12.67 4.14
CA SER B 101 -10.48 -13.33 2.88
C SER B 101 -11.69 -14.25 3.04
N THR B 102 -12.08 -14.51 4.29
CA THR B 102 -13.20 -15.39 4.57
C THR B 102 -14.49 -14.63 4.87
N GLU B 103 -14.42 -13.30 4.80
CA GLU B 103 -15.57 -12.43 5.10
C GLU B 103 -16.55 -12.33 3.93
N ASP B 104 -17.84 -12.30 4.24
CA ASP B 104 -18.90 -12.10 3.26
C ASP B 104 -18.98 -10.64 2.76
N HIS B 105 -18.71 -9.71 3.67
CA HIS B 105 -18.93 -8.30 3.36
C HIS B 105 -17.92 -7.36 4.02
N LEU B 106 -17.07 -6.74 3.21
CA LEU B 106 -16.13 -5.74 3.69
C LEU B 106 -16.61 -4.38 3.24
N VAL B 107 -16.59 -3.42 4.13
CA VAL B 107 -16.83 -2.04 3.75
C VAL B 107 -15.61 -1.22 4.13
N ILE B 108 -15.05 -0.49 3.17
CA ILE B 108 -13.84 0.27 3.45
C ILE B 108 -14.10 1.77 3.42
N ALA B 109 -13.94 2.40 4.57
CA ALA B 109 -14.16 3.83 4.67
C ALA B 109 -12.86 4.59 4.47
N CYS B 110 -12.75 5.27 3.33
CA CYS B 110 -11.56 6.05 3.03
C CYS B 110 -11.69 7.48 3.54
N GLY B 111 -10.76 7.88 4.39
CA GLY B 111 -10.79 9.22 4.94
C GLY B 111 -9.68 10.07 4.35
N ARG B 112 -9.87 11.38 4.43
CA ARG B 112 -8.90 12.35 3.90
C ARG B 112 -8.65 13.44 4.94
N TYR B 113 -7.95 14.50 4.55
CA TYR B 113 -7.60 15.57 5.48
C TYR B 113 -6.84 14.97 6.67
N GLU B 114 -7.31 15.18 7.89
CA GLU B 114 -6.58 14.69 9.06
C GLU B 114 -7.29 13.59 9.87
N GLY B 115 -8.26 12.92 9.26
CA GLY B 115 -8.92 11.80 9.91
C GLY B 115 -10.44 11.96 9.91
N ILE B 116 -11.12 10.92 10.36
CA ILE B 116 -12.58 10.90 10.50
C ILE B 116 -12.92 11.08 11.97
N ASP B 117 -13.88 11.94 12.30
CA ASP B 117 -14.39 12.07 13.67
C ASP B 117 -14.50 10.69 14.32
N GLN B 118 -13.86 10.50 15.49
CA GLN B 118 -13.76 9.20 16.14
C GLN B 118 -15.12 8.56 16.42
N ARG B 119 -16.15 9.38 16.58
CA ARG B 119 -17.45 8.86 16.95
C ARG B 119 -18.07 8.00 15.83
N VAL B 120 -17.59 8.18 14.61
CA VAL B 120 -18.08 7.35 13.50
C VAL B 120 -17.74 5.89 13.78
N ALA B 121 -16.47 5.63 14.12
CA ALA B 121 -16.05 4.25 14.36
C ALA B 121 -16.67 3.73 15.66
N ASP B 122 -16.75 4.61 16.67
CA ASP B 122 -17.35 4.25 17.95
C ASP B 122 -18.81 3.83 17.78
N ASP B 123 -19.58 4.65 17.07
CA ASP B 123 -20.99 4.36 16.77
C ASP B 123 -21.12 3.04 16.00
N ALA B 124 -20.30 2.88 14.97
CA ALA B 124 -20.40 1.70 14.12
C ALA B 124 -20.15 0.43 14.93
N ALA B 125 -19.21 0.52 15.88
CA ALA B 125 -18.81 -0.63 16.69
C ALA B 125 -19.95 -1.15 17.58
N THR B 126 -20.98 -0.35 17.79
CA THR B 126 -22.13 -0.80 18.57
C THR B 126 -23.04 -1.69 17.73
N ARG B 127 -22.80 -1.75 16.42
CA ARG B 127 -23.69 -2.49 15.53
C ARG B 127 -22.96 -3.57 14.72
N MET B 128 -21.67 -3.37 14.48
CA MET B 128 -20.91 -4.27 13.62
C MET B 128 -19.47 -4.36 14.10
N ARG B 129 -18.68 -5.25 13.51
CA ARG B 129 -17.26 -5.33 13.84
C ARG B 129 -16.50 -4.22 13.10
N VAL B 130 -15.59 -3.54 13.79
CA VAL B 130 -14.84 -2.43 13.17
C VAL B 130 -13.33 -2.64 13.36
N ARG B 131 -12.56 -2.41 12.29
CA ARG B 131 -11.11 -2.56 12.33
C ARG B 131 -10.43 -1.35 11.74
N GLU B 132 -9.78 -0.57 12.58
CA GLU B 132 -8.95 0.55 12.13
C GLU B 132 -7.55 0.00 11.92
N VAL B 133 -7.03 0.11 10.69
CA VAL B 133 -5.76 -0.52 10.38
C VAL B 133 -4.81 0.38 9.61
N SER B 134 -3.52 0.17 9.86
CA SER B 134 -2.44 0.84 9.10
C SER B 134 -1.74 -0.17 8.19
N ILE B 135 -1.51 0.17 6.93
CA ILE B 135 -0.80 -0.73 6.02
C ILE B 135 0.73 -0.50 6.05
N GLY B 136 1.18 0.47 6.83
CA GLY B 136 2.62 0.73 6.90
C GLY B 136 2.91 2.04 7.59
N ASP B 137 4.16 2.22 8.01
CA ASP B 137 4.49 3.42 8.75
C ASP B 137 4.95 4.51 7.80
N TYR B 138 4.00 5.03 7.04
CA TYR B 138 4.21 6.19 6.18
C TYR B 138 2.89 6.92 6.13
N VAL B 139 2.94 8.17 5.69
CA VAL B 139 1.74 8.98 5.61
C VAL B 139 1.27 9.14 4.19
N LEU B 140 0.00 8.83 3.97
CA LEU B 140 -0.65 9.15 2.72
C LEU B 140 -1.54 10.38 2.94
N ASN B 141 -2.00 10.99 1.85
CA ASN B 141 -2.96 12.08 1.96
C ASN B 141 -4.33 11.54 2.37
N GLY B 142 -4.67 10.36 1.85
CA GLY B 142 -5.97 9.77 2.09
C GLY B 142 -5.95 8.25 2.09
N GLY B 143 -7.05 7.64 2.50
CA GLY B 143 -7.11 6.20 2.67
C GLY B 143 -7.30 5.39 1.40
N GLU B 144 -7.49 6.07 0.27
CA GLU B 144 -7.82 5.37 -0.98
C GLU B 144 -6.75 4.39 -1.43
N ALA B 145 -5.48 4.81 -1.43
CA ALA B 145 -4.40 3.92 -1.87
C ALA B 145 -4.27 2.72 -0.93
N ALA B 146 -4.50 2.95 0.36
CA ALA B 146 -4.47 1.85 1.33
C ALA B 146 -5.63 0.87 1.10
N ALA B 147 -6.76 1.38 0.65
CA ALA B 147 -7.89 0.52 0.31
C ALA B 147 -7.53 -0.39 -0.86
N LEU B 148 -6.82 0.15 -1.86
CA LEU B 148 -6.40 -0.66 -3.00
C LEU B 148 -5.43 -1.77 -2.58
N VAL B 149 -4.52 -1.44 -1.67
CA VAL B 149 -3.57 -2.39 -1.14
C VAL B 149 -4.30 -3.50 -0.40
N ILE B 150 -5.21 -3.10 0.48
CA ILE B 150 -5.96 -4.10 1.24
C ILE B 150 -6.78 -5.01 0.32
N ILE B 151 -7.44 -4.42 -0.67
CA ILE B 151 -8.28 -5.21 -1.56
C ILE B 151 -7.44 -6.24 -2.32
N GLU B 152 -6.25 -5.84 -2.76
CA GLU B 152 -5.42 -6.77 -3.51
C GLU B 152 -4.86 -7.89 -2.63
N ALA B 153 -4.46 -7.55 -1.41
CA ALA B 153 -3.85 -8.54 -0.52
C ALA B 153 -4.90 -9.57 -0.10
N VAL B 154 -6.13 -9.10 0.06
CA VAL B 154 -7.21 -9.98 0.48
C VAL B 154 -7.75 -10.84 -0.67
N LEU B 155 -7.98 -10.22 -1.82
CA LEU B 155 -8.67 -10.93 -2.91
C LEU B 155 -7.82 -12.07 -3.47
N ARG B 156 -6.50 -11.93 -3.44
CA ARG B 156 -5.67 -13.00 -3.99
C ARG B 156 -5.73 -14.24 -3.10
N LEU B 157 -6.27 -14.11 -1.90
CA LEU B 157 -6.39 -15.24 -0.99
C LEU B 157 -7.74 -15.95 -1.04
N VAL B 158 -8.73 -15.29 -1.66
CA VAL B 158 -10.09 -15.87 -1.77
C VAL B 158 -10.09 -17.15 -2.59
N PRO B 159 -10.74 -18.22 -2.09
CA PRO B 159 -10.79 -19.48 -2.82
C PRO B 159 -11.33 -19.28 -4.24
N GLY B 160 -10.57 -19.70 -5.25
CA GLY B 160 -10.98 -19.52 -6.62
C GLY B 160 -10.15 -18.49 -7.35
N VAL B 161 -9.53 -17.59 -6.59
CA VAL B 161 -8.59 -16.63 -7.16
C VAL B 161 -7.19 -17.20 -7.05
N SER B 179 7.44 -14.55 8.56
CA SER B 179 8.16 -15.76 8.21
C SER B 179 9.59 -15.41 7.80
N LEU B 180 9.87 -15.51 6.51
CA LEU B 180 11.19 -15.18 5.97
C LEU B 180 11.04 -14.57 4.58
N LEU B 181 12.07 -13.86 4.12
CA LEU B 181 12.02 -13.18 2.82
C LEU B 181 12.37 -14.13 1.68
N GLU B 182 11.69 -13.96 0.54
CA GLU B 182 12.02 -14.74 -0.64
C GLU B 182 13.37 -14.29 -1.17
N GLY B 183 14.22 -15.25 -1.52
CA GLY B 183 15.53 -14.94 -2.07
C GLY B 183 15.43 -14.58 -3.53
N PRO B 184 16.58 -14.39 -4.19
CA PRO B 184 16.61 -13.98 -5.60
C PRO B 184 16.07 -15.05 -6.54
N SER B 185 15.54 -14.62 -7.69
CA SER B 185 15.01 -15.53 -8.70
CA SER B 185 15.02 -15.54 -8.69
C SER B 185 15.64 -15.21 -10.04
N TYR B 186 15.70 -16.21 -10.91
CA TYR B 186 16.37 -16.08 -12.21
C TYR B 186 15.57 -16.78 -13.28
N THR B 187 15.68 -16.32 -14.52
CA THR B 187 15.14 -17.09 -15.63
C THR B 187 16.08 -16.94 -16.82
N ARG B 188 15.69 -17.47 -17.98
CA ARG B 188 16.57 -17.50 -19.14
C ARG B 188 16.91 -16.09 -19.67
N PRO B 189 18.11 -15.92 -20.28
CA PRO B 189 19.17 -16.90 -20.55
C PRO B 189 20.08 -17.13 -19.34
N PRO B 190 20.87 -18.23 -19.36
CA PRO B 190 21.73 -18.58 -18.21
C PRO B 190 22.89 -17.61 -18.00
N SER B 191 23.26 -16.88 -19.05
CA SER B 191 24.26 -15.82 -18.94
C SER B 191 23.71 -14.57 -19.62
N TRP B 192 23.81 -13.42 -18.96
CA TRP B 192 23.26 -12.18 -19.49
C TRP B 192 24.14 -11.01 -19.06
N ARG B 193 24.62 -10.25 -20.05
CA ARG B 193 25.55 -9.14 -19.82
C ARG B 193 26.76 -9.54 -18.97
N GLY B 194 27.18 -10.79 -19.12
CA GLY B 194 28.34 -11.29 -18.39
C GLY B 194 27.97 -11.68 -16.96
N MET B 195 26.67 -11.72 -16.69
CA MET B 195 26.21 -12.16 -15.36
C MET B 195 25.53 -13.52 -15.48
N ASP B 196 26.03 -14.49 -14.71
CA ASP B 196 25.57 -15.88 -14.81
C ASP B 196 24.56 -16.22 -13.72
N VAL B 197 23.56 -17.01 -14.09
CA VAL B 197 22.65 -17.60 -13.12
C VAL B 197 23.49 -18.51 -12.23
N PRO B 198 23.24 -18.48 -10.90
CA PRO B 198 23.92 -19.41 -9.98
C PRO B 198 23.84 -20.85 -10.47
N PRO B 199 24.99 -21.48 -10.71
CA PRO B 199 25.08 -22.82 -11.31
C PRO B 199 24.21 -23.86 -10.61
N VAL B 200 24.09 -23.79 -9.29
CA VAL B 200 23.32 -24.77 -8.55
C VAL B 200 21.87 -24.81 -9.07
N LEU B 201 21.39 -23.66 -9.55
CA LEU B 201 20.02 -23.59 -10.08
C LEU B 201 19.91 -24.29 -11.43
N LEU B 202 21.05 -24.46 -12.09
CA LEU B 202 21.08 -25.17 -13.37
C LEU B 202 21.46 -26.63 -13.22
N SER B 203 21.50 -27.13 -11.98
CA SER B 203 22.05 -28.46 -11.70
C SER B 203 21.04 -29.59 -11.69
N GLY B 204 19.75 -29.28 -11.53
CA GLY B 204 18.73 -30.31 -11.48
C GLY B 204 18.69 -31.05 -10.15
N ASP B 205 19.57 -30.68 -9.22
CA ASP B 205 19.62 -31.27 -7.89
C ASP B 205 18.65 -30.57 -6.94
N HIS B 206 17.47 -31.15 -6.77
CA HIS B 206 16.40 -30.52 -6.00
C HIS B 206 16.82 -30.17 -4.56
N ALA B 207 17.59 -31.06 -3.94
CA ALA B 207 17.98 -30.87 -2.54
C ALA B 207 19.04 -29.77 -2.40
N LYS B 208 19.99 -29.74 -3.33
CA LYS B 208 21.01 -28.68 -3.33
C LYS B 208 20.38 -27.33 -3.64
N ILE B 209 19.44 -27.31 -4.59
CA ILE B 209 18.68 -26.09 -4.90
C ILE B 209 17.86 -25.61 -3.71
N ALA B 210 17.15 -26.55 -3.07
CA ALA B 210 16.35 -26.21 -1.89
C ALA B 210 17.25 -25.63 -0.80
N ALA B 211 18.41 -26.22 -0.62
CA ALA B 211 19.36 -25.78 0.40
C ALA B 211 19.88 -24.39 0.11
N TRP B 212 20.24 -24.15 -1.15
CA TRP B 212 20.80 -22.87 -1.57
C TRP B 212 19.78 -21.75 -1.39
N ARG B 213 18.52 -22.05 -1.72
CA ARG B 213 17.46 -21.07 -1.64
C ARG B 213 17.11 -20.73 -0.20
N ALA B 214 16.99 -21.76 0.63
CA ALA B 214 16.71 -21.56 2.04
C ALA B 214 17.78 -20.64 2.62
N GLU B 215 19.03 -20.89 2.25
CA GLU B 215 20.15 -20.07 2.70
C GLU B 215 20.01 -18.64 2.23
N GLN B 216 19.84 -18.46 0.92
CA GLN B 216 19.63 -17.14 0.36
C GLN B 216 18.50 -16.39 1.07
N SER B 217 17.40 -17.09 1.32
CA SER B 217 16.23 -16.53 1.98
C SER B 217 16.57 -16.08 3.40
N ARG B 218 17.41 -16.82 4.09
CA ARG B 218 17.77 -16.45 5.45
C ARG B 218 18.84 -15.34 5.45
N GLN B 219 19.73 -15.36 4.47
CA GLN B 219 20.77 -14.33 4.39
C GLN B 219 20.16 -12.98 3.93
N ARG B 220 19.13 -13.02 3.09
CA ARG B 220 18.41 -11.81 2.71
C ARG B 220 17.58 -11.30 3.88
N THR B 221 17.05 -12.22 4.66
CA THR B 221 16.20 -11.82 5.78
C THR B 221 17.02 -11.10 6.84
N ILE B 222 18.20 -11.61 7.16
CA ILE B 222 19.03 -11.02 8.21
C ILE B 222 19.54 -9.63 7.81
N GLU B 223 19.66 -9.38 6.51
CA GLU B 223 20.16 -8.09 6.03
C GLU B 223 19.05 -7.04 5.89
N ARG B 224 17.92 -7.45 5.34
CA ARG B 224 16.87 -6.48 5.04
C ARG B 224 15.79 -6.40 6.12
N ARG B 225 15.59 -7.48 6.87
CA ARG B 225 14.54 -7.53 7.88
C ARG B 225 14.91 -8.33 9.12
N PRO B 226 15.98 -7.92 9.83
CA PRO B 226 16.46 -8.74 10.95
C PRO B 226 15.38 -8.92 12.02
N ASP B 227 14.36 -8.05 12.01
CA ASP B 227 13.26 -8.16 12.97
C ASP B 227 12.50 -9.48 12.81
N LEU B 228 12.38 -9.99 11.59
CA LEU B 228 11.65 -11.23 11.35
C LEU B 228 12.29 -12.40 12.07
N LEU B 229 13.60 -12.31 12.28
CA LEU B 229 14.34 -13.38 12.93
C LEU B 229 14.62 -13.07 14.39
N GLY B 230 13.98 -12.02 14.90
CA GLY B 230 14.11 -11.67 16.30
C GLY B 230 15.38 -10.92 16.66
N PHE B 231 15.86 -10.08 15.74
CA PHE B 231 17.04 -9.25 16.00
C PHE B 231 16.70 -7.76 15.93
N ASP B 232 17.58 -6.92 16.47
CA ASP B 232 17.36 -5.47 16.49
C ASP B 232 17.31 -4.83 15.09
N SER B 233 16.99 -3.54 15.06
CA SER B 233 16.85 -2.73 13.84
C SER B 233 15.79 -3.30 12.92
C1 ABV C . 5.90 -5.67 -4.86
N1 ABV C . 4.17 -7.28 -2.05
S1 ABV C . 5.53 -5.15 -2.06
C2 ABV C . 5.62 -6.53 -5.92
N2 ABV C . 4.30 -6.19 0.18
C3 ABV C . 4.83 -7.66 -5.71
C4 ABV C . 4.33 -7.94 -4.44
C5 ABV C . 4.62 -7.07 -3.35
C6 ABV C . 5.40 -5.95 -3.58
C7 ABV C . 4.57 -6.31 -1.20
C1 ABV D . -5.44 6.63 5.67
N1 ABV D . -1.82 6.98 5.78
S1 ABV D . -3.15 4.88 6.02
C2 ABV D . -5.86 7.94 5.46
N2 ABV D . -0.35 5.01 6.14
C3 ABV D . -4.92 8.96 5.36
C4 ABV D . -3.58 8.67 5.46
C5 ABV D . -3.14 7.34 5.67
C6 ABV D . -4.07 6.33 5.77
C7 ABV D . -1.61 5.66 5.99
#